data_8T1Y
#
_entry.id   8T1Y
#
_cell.length_a   80.517
_cell.length_b   55.900
_cell.length_c   84.478
_cell.angle_alpha   90.000
_cell.angle_beta   115.490
_cell.angle_gamma   90.000
#
_symmetry.space_group_name_H-M   'P 1 21 1'
#
loop_
_entity.id
_entity.type
_entity.pdbx_description
1 polymer Sialidase
2 non-polymer '2-DEOXY-2,3-DEHYDRO-N-ACETYL-NEURAMINIC ACID'
3 non-polymer 'TRIETHYLENE GLYCOL'
4 non-polymer DI(HYDROXYETHYL)ETHER
5 non-polymer 'TETRAETHYLENE GLYCOL'
6 water water
#
_entity_poly.entity_id   1
_entity_poly.type   'polypeptide(L)'
_entity_poly.pdbx_seq_one_letter_code
;MRGSHHHHHHGSMQEVTMWGDSHGVAPNQVRRTLVKVALSESLPPGAKQIRIGFSLPKETEEKVTALYLLVSDSLAVRDL
PDYKGRVSYDSFPISKEDRTTALSADSVAGRRFFYLAADIGPVASFSRSDTLTARVEEVAVDGRPLPLKELSPASRRLYR
GYEALFVPGDGGSRNYRIPAILKTANGTLIAMADRRKYNQTDLPEDIDIVMRRSTDGGKSWSDPRIIVQGEGRNHGFGDV
ALVQTQAGKLLMIFVGGVGLWQSTPDRPQRTYISESRDEGLTWSPPRDITHFIFGKDCADPGRSRWLASFCASGQGLVLP
SGRITFVAAIRESGQEYVLNNYVLYSDDEGDTWQLSDCAYRRGDEAKLSLMPDGRVLMSIRNQGRQESRQRFFALSSDDG
LTWERAKQFEGIHDPGCNGAMLQVKRNGRDQVLHSLPLGPDGRRDGAVYLFDHVSGRWSAPVVVNSGSSAYSDMTLLADG
TIGYFVEEGDEISLVFIRFVLDDLFDVRQ
;
_entity_poly.pdbx_strand_id   A
#
loop_
_chem_comp.id
_chem_comp.type
_chem_comp.name
_chem_comp.formula
DAN D-saccharide '2-DEOXY-2,3-DEHYDRO-N-ACETYL-NEURAMINIC ACID' 'C11 H17 N O8'
PEG non-polymer DI(HYDROXYETHYL)ETHER 'C4 H10 O3'
PG4 non-polymer 'TETRAETHYLENE GLYCOL' 'C8 H18 O5'
PGE non-polymer 'TRIETHYLENE GLYCOL' 'C6 H14 O4'
#
# COMPACT_ATOMS: atom_id res chain seq x y z
N GLN A 14 31.94 -20.36 -3.12
CA GLN A 14 31.95 -19.86 -4.50
C GLN A 14 30.62 -20.16 -5.21
N GLU A 15 29.50 -19.75 -4.60
CA GLU A 15 28.17 -20.11 -5.06
C GLU A 15 27.37 -18.86 -5.41
N VAL A 16 26.43 -18.99 -6.36
CA VAL A 16 25.58 -17.90 -6.81
C VAL A 16 24.14 -18.18 -6.39
N THR A 17 23.48 -17.18 -5.81
CA THR A 17 22.06 -17.23 -5.52
C THR A 17 21.31 -16.27 -6.43
N MET A 18 20.09 -16.66 -6.84
CA MET A 18 19.35 -16.03 -7.92
C MET A 18 17.93 -15.72 -7.50
N TRP A 19 17.47 -14.50 -7.78
CA TRP A 19 16.10 -14.07 -7.51
C TRP A 19 15.51 -13.49 -8.79
N GLY A 20 14.43 -14.09 -9.29
CA GLY A 20 13.62 -13.44 -10.30
C GLY A 20 12.78 -12.33 -9.69
N ASP A 21 12.47 -11.32 -10.49
CA ASP A 21 11.70 -10.16 -10.05
C ASP A 21 10.23 -10.33 -10.42
N SER A 22 9.33 -9.97 -9.51
CA SER A 22 7.89 -10.14 -9.73
C SER A 22 7.14 -8.85 -9.45
N HIS A 23 7.79 -7.70 -9.49
CA HIS A 23 7.08 -6.45 -9.35
C HIS A 23 6.46 -6.08 -10.69
N GLY A 24 5.39 -5.31 -10.64
CA GLY A 24 4.76 -4.88 -11.85
C GLY A 24 5.58 -3.86 -12.57
N VAL A 25 5.23 -3.61 -13.84
CA VAL A 25 5.88 -2.59 -14.66
C VAL A 25 4.80 -1.87 -15.45
N ALA A 26 5.19 -0.75 -16.05
CA ALA A 26 4.37 0.11 -16.89
C ALA A 26 5.14 0.48 -18.15
N PRO A 27 4.44 0.84 -19.24
CA PRO A 27 5.13 1.12 -20.50
C PRO A 27 6.21 2.19 -20.36
N ASN A 28 7.30 2.02 -21.12
CA ASN A 28 8.38 2.99 -21.25
C ASN A 28 9.21 3.15 -19.99
N GLN A 29 9.20 2.19 -19.08
CA GLN A 29 10.05 2.30 -17.90
C GLN A 29 11.44 1.79 -18.23
N VAL A 30 12.43 2.29 -17.48
CA VAL A 30 13.83 2.10 -17.85
C VAL A 30 14.55 1.29 -16.78
N ARG A 31 15.46 0.44 -17.24
CA ARG A 31 16.31 -0.38 -16.38
C ARG A 31 15.49 -1.08 -15.30
N ARG A 32 14.51 -1.87 -15.76
CA ARG A 32 13.69 -2.71 -14.89
C ARG A 32 14.36 -4.07 -14.71
N THR A 33 14.63 -4.44 -13.47
CA THR A 33 15.26 -5.73 -13.19
C THR A 33 14.34 -6.88 -13.59
N LEU A 34 14.92 -7.89 -14.25
CA LEU A 34 14.20 -9.12 -14.53
C LEU A 34 14.64 -10.22 -13.60
N VAL A 35 15.94 -10.36 -13.42
CA VAL A 35 16.49 -11.31 -12.47
C VAL A 35 17.82 -10.74 -11.99
N LYS A 36 18.15 -11.04 -10.74
CA LYS A 36 19.42 -10.64 -10.16
C LYS A 36 20.07 -11.85 -9.51
N VAL A 37 21.39 -11.87 -9.52
CA VAL A 37 22.17 -12.93 -8.91
C VAL A 37 23.24 -12.31 -8.03
N ALA A 38 23.63 -13.05 -6.99
CA ALA A 38 24.63 -12.61 -6.05
C ALA A 38 25.73 -13.66 -5.95
N LEU A 39 26.97 -13.25 -6.20
CA LEU A 39 28.10 -14.10 -5.88
C LEU A 39 28.28 -14.17 -4.37
N SER A 40 28.72 -15.34 -3.90
CA SER A 40 29.05 -15.49 -2.48
C SER A 40 30.32 -14.72 -2.12
N GLU A 41 31.27 -14.64 -3.04
CA GLU A 41 32.52 -13.93 -2.80
C GLU A 41 32.87 -13.11 -4.03
N SER A 42 33.69 -12.08 -3.82
CA SER A 42 34.29 -11.37 -4.94
C SER A 42 35.04 -12.34 -5.83
N LEU A 43 35.20 -11.96 -7.09
CA LEU A 43 36.02 -12.76 -8.00
C LEU A 43 37.45 -12.84 -7.48
N PRO A 44 38.13 -13.97 -7.65
CA PRO A 44 39.52 -14.11 -7.16
C PRO A 44 40.47 -13.29 -8.00
N PRO A 45 41.69 -13.03 -7.52
CA PRO A 45 42.63 -12.21 -8.31
C PRO A 45 43.08 -12.89 -9.60
N GLY A 46 43.04 -14.23 -9.66
CA GLY A 46 43.29 -14.96 -10.88
C GLY A 46 42.12 -15.03 -11.84
N ALA A 47 41.06 -14.28 -11.60
CA ALA A 47 39.92 -14.23 -12.49
C ALA A 47 40.07 -13.06 -13.46
N LYS A 48 39.79 -13.32 -14.73
CA LYS A 48 39.91 -12.31 -15.77
C LYS A 48 38.56 -11.80 -16.24
N GLN A 49 37.55 -12.66 -16.33
CA GLN A 49 36.27 -12.25 -16.87
C GLN A 49 35.17 -13.14 -16.28
N ILE A 50 33.98 -12.56 -16.17
CA ILE A 50 32.76 -13.27 -15.82
C ILE A 50 31.82 -13.22 -17.03
N ARG A 51 31.01 -14.25 -17.19
CA ARG A 51 30.10 -14.35 -18.33
C ARG A 51 28.82 -15.00 -17.87
N ILE A 52 27.68 -14.36 -18.16
CA ILE A 52 26.38 -14.78 -17.69
C ILE A 52 25.50 -15.14 -18.89
N GLY A 53 24.97 -16.35 -18.88
CA GLY A 53 24.05 -16.82 -19.91
C GLY A 53 22.63 -16.88 -19.35
N PHE A 54 21.66 -16.50 -20.16
CA PHE A 54 20.29 -16.39 -19.67
C PHE A 54 19.31 -16.81 -20.76
N SER A 55 18.07 -17.04 -20.32
CA SER A 55 16.94 -17.38 -21.18
C SER A 55 15.91 -16.27 -21.11
N LEU A 56 15.25 -16.00 -22.24
CA LEU A 56 14.31 -14.91 -22.32
C LEU A 56 13.31 -15.17 -23.45
N PRO A 57 12.03 -15.42 -23.15
CA PRO A 57 11.11 -15.86 -24.19
C PRO A 57 10.84 -14.76 -25.20
N LYS A 58 10.53 -15.18 -26.43
CA LYS A 58 10.23 -14.22 -27.49
C LYS A 58 9.10 -13.29 -27.08
N GLU A 59 8.15 -13.78 -26.28
CA GLU A 59 7.06 -12.92 -25.82
C GLU A 59 7.57 -11.76 -24.99
N THR A 60 8.61 -12.01 -24.17
CA THR A 60 9.22 -10.93 -23.40
C THR A 60 10.10 -10.06 -24.27
N GLU A 61 10.85 -10.68 -25.19
CA GLU A 61 11.75 -9.94 -26.06
C GLU A 61 11.02 -8.87 -26.85
N GLU A 62 9.81 -9.18 -27.32
CA GLU A 62 9.04 -8.23 -28.12
C GLU A 62 8.61 -7.02 -27.32
N LYS A 63 8.48 -7.15 -26.00
CA LYS A 63 7.93 -6.08 -25.19
C LYS A 63 9.00 -5.16 -24.62
N VAL A 64 10.27 -5.47 -24.83
CA VAL A 64 11.37 -4.66 -24.35
C VAL A 64 12.06 -4.04 -25.56
N THR A 65 12.71 -2.90 -25.33
CA THR A 65 13.48 -2.25 -26.40
C THR A 65 14.97 -2.39 -26.23
N ALA A 66 15.45 -2.78 -25.05
CA ALA A 66 16.87 -2.92 -24.75
C ALA A 66 17.01 -3.74 -23.47
N LEU A 67 18.12 -4.46 -23.35
CA LEU A 67 18.51 -5.14 -22.12
C LEU A 67 19.81 -4.52 -21.59
N TYR A 68 20.15 -4.87 -20.34
CA TYR A 68 21.35 -4.38 -19.69
C TYR A 68 21.79 -5.39 -18.63
N LEU A 69 23.10 -5.46 -18.44
CA LEU A 69 23.70 -6.00 -17.23
C LEU A 69 24.09 -4.84 -16.32
N LEU A 70 23.49 -4.80 -15.12
CA LEU A 70 23.84 -3.82 -14.11
C LEU A 70 24.73 -4.49 -13.08
N VAL A 71 25.71 -3.74 -12.57
CA VAL A 71 26.65 -4.24 -11.56
C VAL A 71 26.71 -3.24 -10.42
N SER A 72 26.64 -3.75 -9.18
CA SER A 72 26.49 -2.89 -8.01
C SER A 72 27.13 -3.55 -6.80
N ASP A 73 27.48 -2.73 -5.81
CA ASP A 73 27.89 -3.22 -4.51
C ASP A 73 26.72 -3.38 -3.55
N SER A 74 25.50 -3.04 -3.97
CA SER A 74 24.30 -3.23 -3.16
C SER A 74 23.45 -4.33 -3.79
N LEU A 75 22.85 -5.16 -2.94
CA LEU A 75 21.86 -6.13 -3.37
C LEU A 75 20.50 -5.57 -2.94
N ALA A 76 19.75 -5.02 -3.90
CA ALA A 76 18.56 -4.25 -3.57
C ALA A 76 17.30 -5.04 -3.87
N VAL A 77 16.21 -4.64 -3.21
CA VAL A 77 14.94 -5.34 -3.39
C VAL A 77 14.22 -4.83 -4.64
N ARG A 78 14.21 -3.52 -4.85
CA ARG A 78 13.48 -2.90 -5.93
C ARG A 78 14.40 -2.62 -7.11
N ASP A 79 13.80 -2.18 -8.21
CA ASP A 79 14.55 -1.64 -9.33
C ASP A 79 15.52 -0.59 -8.85
N LEU A 80 16.75 -0.68 -9.34
CA LEU A 80 17.81 0.19 -8.83
C LEU A 80 17.51 1.68 -8.96
N PRO A 81 16.86 2.17 -10.02
CA PRO A 81 16.52 3.60 -10.04
C PRO A 81 15.51 4.02 -8.98
N ASP A 82 14.74 3.09 -8.41
CA ASP A 82 13.85 3.47 -7.32
C ASP A 82 14.60 3.98 -6.08
N TYR A 83 15.90 3.77 -5.98
CA TYR A 83 16.66 4.23 -4.81
C TYR A 83 17.24 5.63 -5.00
N LYS A 84 16.91 6.28 -6.12
CA LYS A 84 17.20 7.70 -6.33
C LYS A 84 18.66 8.04 -6.03
N GLY A 85 19.55 7.14 -6.43
CA GLY A 85 20.97 7.36 -6.33
C GLY A 85 21.64 6.70 -5.14
N ARG A 86 20.87 6.37 -4.09
CA ARG A 86 21.43 5.71 -2.93
C ARG A 86 22.02 4.34 -3.27
N VAL A 87 21.68 3.78 -4.43
CA VAL A 87 22.37 2.61 -4.96
C VAL A 87 23.26 3.06 -6.10
N SER A 88 24.48 2.57 -6.13
CA SER A 88 25.45 2.89 -7.16
C SER A 88 25.60 1.68 -8.08
N TYR A 89 25.55 1.92 -9.38
CA TYR A 89 25.72 0.81 -10.32
C TYR A 89 26.32 1.31 -11.63
N ASP A 90 26.92 0.38 -12.34
CA ASP A 90 27.29 0.53 -13.74
C ASP A 90 26.30 -0.24 -14.60
N SER A 91 26.17 0.16 -15.85
CA SER A 91 25.15 -0.39 -16.74
C SER A 91 25.80 -0.71 -18.08
N PHE A 92 25.65 -1.93 -18.54
CA PHE A 92 26.19 -2.35 -19.83
C PHE A 92 25.08 -2.91 -20.72
N PRO A 93 24.90 -2.39 -21.92
CA PRO A 93 23.76 -2.82 -22.74
C PRO A 93 23.98 -4.17 -23.39
N ILE A 94 22.87 -4.85 -23.67
CA ILE A 94 22.85 -6.13 -24.37
C ILE A 94 21.80 -6.00 -25.48
N SER A 95 22.15 -6.47 -26.68
CA SER A 95 21.16 -6.55 -27.74
C SER A 95 20.07 -7.54 -27.35
N LYS A 96 18.80 -7.15 -27.53
CA LYS A 96 17.69 -7.97 -27.06
C LYS A 96 17.74 -9.40 -27.60
N GLU A 97 18.37 -9.59 -28.76
CA GLU A 97 18.43 -10.93 -29.36
C GLU A 97 19.53 -11.79 -28.77
N ASP A 98 20.49 -11.19 -28.04
CA ASP A 98 21.55 -11.95 -27.39
C ASP A 98 21.04 -12.71 -26.18
N ARG A 99 21.73 -13.80 -25.83
CA ARG A 99 21.39 -14.56 -24.63
C ARG A 99 22.61 -14.79 -23.73
N THR A 100 23.64 -13.96 -23.87
CA THR A 100 24.82 -14.07 -23.02
C THR A 100 25.54 -12.74 -23.01
N THR A 101 26.27 -12.48 -21.93
CA THR A 101 27.10 -11.30 -21.88
C THR A 101 28.28 -11.58 -20.95
N ALA A 102 29.37 -10.85 -21.17
CA ALA A 102 30.59 -11.06 -20.41
C ALA A 102 31.17 -9.70 -20.02
N LEU A 103 31.97 -9.70 -18.96
CA LEU A 103 32.54 -8.46 -18.44
C LEU A 103 33.84 -8.81 -17.73
N SER A 104 34.80 -7.90 -17.79
CA SER A 104 36.10 -8.17 -17.18
C SER A 104 36.01 -8.08 -15.66
N ALA A 105 36.80 -8.94 -15.00
CA ALA A 105 36.92 -8.87 -13.54
C ALA A 105 37.27 -7.45 -13.10
N ASP A 106 38.19 -6.80 -13.82
CA ASP A 106 38.58 -5.42 -13.50
C ASP A 106 37.38 -4.48 -13.49
N SER A 107 36.46 -4.63 -14.45
CA SER A 107 35.30 -3.75 -14.50
C SER A 107 34.29 -4.06 -13.39
N VAL A 108 34.16 -5.33 -13.01
CA VAL A 108 33.32 -5.69 -11.87
C VAL A 108 33.85 -5.06 -10.59
N ALA A 109 35.17 -4.89 -10.50
CA ALA A 109 35.83 -4.16 -9.41
C ALA A 109 35.46 -4.74 -8.04
N GLY A 110 35.53 -6.06 -7.93
CA GLY A 110 35.24 -6.74 -6.68
C GLY A 110 33.78 -6.80 -6.26
N ARG A 111 32.85 -6.36 -7.10
CA ARG A 111 31.45 -6.37 -6.70
C ARG A 111 30.84 -7.75 -6.89
N ARG A 112 29.70 -7.98 -6.23
CA ARG A 112 29.13 -9.31 -6.18
C ARG A 112 27.69 -9.41 -6.70
N PHE A 113 27.04 -8.31 -7.05
CA PHE A 113 25.62 -8.33 -7.35
C PHE A 113 25.36 -7.89 -8.79
N PHE A 114 24.76 -8.78 -9.58
CA PHE A 114 24.53 -8.58 -11.00
C PHE A 114 23.05 -8.66 -11.32
N TYR A 115 22.58 -7.72 -12.13
CA TYR A 115 21.17 -7.60 -12.46
C TYR A 115 20.98 -7.61 -13.98
N LEU A 116 20.09 -8.48 -14.46
CA LEU A 116 19.65 -8.44 -15.84
C LEU A 116 18.41 -7.55 -15.91
N ALA A 117 18.54 -6.40 -16.57
CA ALA A 117 17.46 -5.42 -16.60
C ALA A 117 17.06 -5.08 -18.03
N ALA A 118 15.92 -4.38 -18.15
CA ALA A 118 15.38 -4.08 -19.46
C ALA A 118 14.70 -2.71 -19.46
N ASP A 119 14.68 -2.11 -20.65
CA ASP A 119 13.80 -0.97 -20.93
C ASP A 119 12.50 -1.48 -21.55
N ILE A 120 11.37 -1.05 -21.00
CA ILE A 120 10.06 -1.55 -21.41
C ILE A 120 9.57 -0.71 -22.57
N GLY A 121 9.06 -1.39 -23.62
CA GLY A 121 8.57 -0.72 -24.79
C GLY A 121 7.29 0.06 -24.51
N PRO A 122 6.72 0.66 -25.58
CA PRO A 122 5.53 1.49 -25.41
C PRO A 122 4.22 0.73 -25.51
N VAL A 123 4.10 -0.18 -26.48
CA VAL A 123 2.80 -0.83 -26.70
C VAL A 123 2.48 -1.75 -25.54
N ALA A 124 1.20 -2.06 -25.39
CA ALA A 124 0.71 -2.99 -24.37
C ALA A 124 -0.79 -3.23 -24.55
N SER A 125 -1.22 -4.42 -24.16
CA SER A 125 -2.63 -4.80 -24.09
C SER A 125 -3.14 -4.90 -22.66
N PHE A 126 -2.24 -5.07 -21.69
CA PHE A 126 -2.50 -4.97 -20.26
C PHE A 126 -3.34 -6.12 -19.70
N SER A 127 -3.56 -7.18 -20.49
CA SER A 127 -4.32 -8.33 -20.02
C SER A 127 -3.50 -9.12 -18.98
N ARG A 128 -4.14 -10.12 -18.38
CA ARG A 128 -3.48 -10.92 -17.36
C ARG A 128 -2.21 -11.59 -17.91
N SER A 129 -2.23 -12.01 -19.17
CA SER A 129 -1.09 -12.66 -19.79
C SER A 129 0.00 -11.68 -20.25
N ASP A 130 -0.16 -10.39 -20.01
CA ASP A 130 0.80 -9.38 -20.47
C ASP A 130 1.94 -9.26 -19.44
N THR A 131 2.76 -10.32 -19.38
CA THR A 131 3.80 -10.44 -18.37
C THR A 131 5.19 -10.55 -19.01
N LEU A 132 6.21 -10.34 -18.18
CA LEU A 132 7.61 -10.41 -18.60
C LEU A 132 8.41 -11.31 -17.65
N THR A 133 9.34 -12.06 -18.23
CA THR A 133 10.15 -12.98 -17.44
C THR A 133 11.49 -13.21 -18.13
N ALA A 134 12.44 -13.71 -17.35
CA ALA A 134 13.77 -14.10 -17.82
C ALA A 134 14.41 -14.92 -16.71
N ARG A 135 15.43 -15.69 -17.07
CA ARG A 135 16.07 -16.50 -16.05
C ARG A 135 17.55 -16.63 -16.39
N VAL A 136 18.41 -16.51 -15.38
CA VAL A 136 19.83 -16.75 -15.57
C VAL A 136 20.07 -18.26 -15.52
N GLU A 137 20.67 -18.80 -16.58
CA GLU A 137 20.92 -20.22 -16.70
C GLU A 137 22.36 -20.61 -16.40
N GLU A 138 23.28 -19.66 -16.45
CA GLU A 138 24.70 -19.99 -16.25
C GLU A 138 25.46 -18.74 -15.85
N VAL A 139 26.28 -18.87 -14.80
CA VAL A 139 27.26 -17.87 -14.41
C VAL A 139 28.62 -18.57 -14.37
N ALA A 140 29.46 -18.28 -15.35
CA ALA A 140 30.75 -18.93 -15.49
C ALA A 140 31.87 -17.92 -15.28
N VAL A 141 32.88 -18.30 -14.51
CA VAL A 141 34.04 -17.47 -14.25
C VAL A 141 35.20 -18.09 -15.02
N ASP A 142 35.62 -17.42 -16.10
CA ASP A 142 36.65 -17.95 -17.00
C ASP A 142 36.26 -19.34 -17.48
N GLY A 143 34.98 -19.50 -17.84
CA GLY A 143 34.51 -20.75 -18.37
C GLY A 143 34.17 -21.82 -17.34
N ARG A 144 34.40 -21.55 -16.06
CA ARG A 144 34.02 -22.49 -15.01
C ARG A 144 32.62 -22.15 -14.52
N PRO A 145 31.61 -22.95 -14.84
CA PRO A 145 30.26 -22.69 -14.32
C PRO A 145 30.24 -22.73 -12.80
N LEU A 146 29.56 -21.73 -12.18
CA LEU A 146 29.45 -21.82 -10.74
C LEU A 146 28.12 -22.44 -10.35
N PRO A 147 28.06 -23.13 -9.22
CA PRO A 147 26.76 -23.63 -8.73
C PRO A 147 25.75 -22.50 -8.60
N LEU A 148 24.57 -22.72 -9.17
CA LEU A 148 23.49 -21.75 -9.22
C LEU A 148 22.30 -22.28 -8.45
N LYS A 149 21.76 -21.48 -7.55
CA LYS A 149 20.56 -21.83 -6.78
C LYS A 149 19.49 -20.76 -6.99
N GLU A 150 18.28 -21.20 -7.36
CA GLU A 150 17.18 -20.28 -7.59
C GLU A 150 16.30 -20.18 -6.35
N LEU A 151 16.08 -18.95 -5.89
CA LEU A 151 15.19 -18.73 -4.76
C LEU A 151 13.82 -18.19 -5.16
N SER A 152 13.67 -17.66 -6.38
CA SER A 152 12.40 -17.10 -6.83
C SER A 152 12.39 -16.96 -8.34
N PRO A 153 11.27 -17.23 -9.01
CA PRO A 153 11.17 -17.02 -10.45
C PRO A 153 10.76 -15.59 -10.78
N ALA A 154 10.85 -15.26 -12.06
CA ALA A 154 10.52 -13.91 -12.53
C ALA A 154 9.18 -13.90 -13.26
N SER A 155 8.31 -12.95 -12.89
CA SER A 155 7.05 -12.73 -13.62
C SER A 155 6.57 -11.31 -13.33
N ARG A 156 6.80 -10.40 -14.28
CA ARG A 156 6.51 -8.97 -14.11
C ARG A 156 5.35 -8.60 -15.02
N ARG A 157 4.21 -8.24 -14.42
CA ARG A 157 3.01 -7.89 -15.17
C ARG A 157 3.01 -6.40 -15.54
N LEU A 158 2.50 -6.10 -16.74
CA LEU A 158 2.36 -4.73 -17.23
C LEU A 158 1.04 -4.12 -16.75
N TYR A 159 1.12 -2.92 -16.17
CA TYR A 159 -0.06 -2.17 -15.81
C TYR A 159 -0.05 -0.82 -16.51
N ARG A 160 -1.22 -0.17 -16.50
CA ARG A 160 -1.32 1.15 -17.11
C ARG A 160 -0.48 2.17 -16.37
N GLY A 161 -0.33 1.99 -15.06
CA GLY A 161 0.56 2.80 -14.27
C GLY A 161 1.13 1.98 -13.13
N TYR A 162 2.38 2.24 -12.76
CA TYR A 162 3.05 1.50 -11.70
C TYR A 162 4.24 2.32 -11.24
N GLU A 163 4.20 2.80 -10.00
CA GLU A 163 5.26 3.67 -9.49
C GLU A 163 5.35 3.56 -7.97
N ALA A 164 6.56 3.37 -7.48
CA ALA A 164 6.84 3.36 -6.04
C ALA A 164 6.90 4.80 -5.56
N LEU A 165 5.94 5.20 -4.71
CA LEU A 165 5.95 6.60 -4.27
C LEU A 165 6.81 6.81 -3.02
N PHE A 166 6.97 5.79 -2.17
CA PHE A 166 7.76 5.88 -0.96
C PHE A 166 8.60 4.61 -0.84
N VAL A 167 9.91 4.76 -0.91
CA VAL A 167 10.84 3.64 -0.85
C VAL A 167 11.72 3.74 0.40
N PRO A 168 12.00 2.64 1.11
CA PRO A 168 12.90 2.71 2.29
C PRO A 168 14.19 3.46 1.98
N GLY A 169 14.49 4.47 2.79
CA GLY A 169 15.64 5.31 2.58
C GLY A 169 15.33 6.68 2.02
N ASP A 170 14.16 6.84 1.39
CA ASP A 170 13.75 8.12 0.84
C ASP A 170 13.81 9.21 1.90
N GLY A 171 14.52 10.29 1.58
CA GLY A 171 14.60 11.43 2.48
C GLY A 171 15.21 11.14 3.84
N GLY A 172 15.88 10.02 4.01
CA GLY A 172 16.52 9.69 5.27
C GLY A 172 15.66 8.94 6.27
N SER A 173 14.42 8.64 5.91
CA SER A 173 13.61 7.74 6.71
C SER A 173 13.98 6.32 6.34
N ARG A 174 14.17 5.47 7.35
CA ARG A 174 14.50 4.08 7.06
C ARG A 174 13.31 3.32 6.46
N ASN A 175 12.08 3.68 6.83
CA ASN A 175 10.93 2.87 6.45
C ASN A 175 9.70 3.73 6.20
N TYR A 176 8.69 3.09 5.59
CA TYR A 176 7.43 3.71 5.22
C TYR A 176 6.30 2.68 5.38
N ARG A 177 5.15 3.14 5.86
CA ARG A 177 3.99 2.27 6.02
C ARG A 177 2.72 3.11 5.96
N ILE A 178 1.59 2.43 5.88
CA ILE A 178 0.25 2.96 6.15
C ILE A 178 -0.18 3.92 5.04
N PRO A 179 -0.55 3.42 3.87
CA PRO A 179 -0.88 4.30 2.74
C PRO A 179 -2.27 4.90 2.85
N ALA A 180 -2.40 6.12 2.34
CA ALA A 180 -3.70 6.78 2.21
C ALA A 180 -3.72 7.55 0.89
N ILE A 181 -4.84 7.47 0.17
CA ILE A 181 -4.97 8.07 -1.16
C ILE A 181 -6.28 8.85 -1.23
N LEU A 182 -6.27 9.97 -1.93
CA LEU A 182 -7.48 10.78 -2.06
C LEU A 182 -7.44 11.53 -3.38
N LYS A 183 -8.53 11.43 -4.15
CA LYS A 183 -8.75 12.27 -5.32
C LYS A 183 -9.76 13.37 -4.99
N THR A 184 -9.40 14.62 -5.28
CA THR A 184 -10.29 15.74 -5.03
C THR A 184 -11.23 15.97 -6.23
N ALA A 185 -12.29 16.76 -5.97
CA ALA A 185 -13.25 17.10 -7.03
C ALA A 185 -12.58 17.78 -8.22
N ASN A 186 -11.41 18.38 -8.02
CA ASN A 186 -10.66 18.99 -9.10
C ASN A 186 -9.62 18.05 -9.69
N GLY A 187 -9.57 16.79 -9.27
CA GLY A 187 -8.66 15.83 -9.85
C GLY A 187 -7.29 15.72 -9.21
N THR A 188 -6.99 16.51 -8.17
CA THR A 188 -5.72 16.36 -7.47
C THR A 188 -5.67 15.05 -6.72
N LEU A 189 -4.55 14.35 -6.84
CA LEU A 189 -4.29 13.15 -6.06
C LEU A 189 -3.45 13.53 -4.84
N ILE A 190 -3.86 13.05 -3.68
CA ILE A 190 -3.13 13.24 -2.44
C ILE A 190 -2.70 11.87 -1.92
N ALA A 191 -1.40 11.68 -1.74
CA ALA A 191 -0.87 10.44 -1.19
C ALA A 191 -0.19 10.73 0.15
N MET A 192 -0.51 9.96 1.18
CA MET A 192 0.10 10.21 2.49
C MET A 192 0.55 8.88 3.07
N ALA A 193 1.43 8.93 4.06
CA ALA A 193 1.98 7.71 4.62
C ALA A 193 2.62 8.00 5.97
N ASP A 194 2.76 6.92 6.77
CA ASP A 194 3.68 6.91 7.90
C ASP A 194 5.11 7.00 7.37
N ARG A 195 5.83 8.04 7.76
CA ARG A 195 7.29 8.12 7.57
C ARG A 195 7.92 7.50 8.81
N ARG A 196 8.25 6.21 8.72
CA ARG A 196 8.67 5.45 9.91
C ARG A 196 10.18 5.54 10.00
N LYS A 197 10.64 6.52 10.79
CA LYS A 197 12.02 7.02 10.66
C LYS A 197 13.04 5.95 10.97
N TYR A 198 12.87 5.23 12.10
CA TYR A 198 13.96 4.42 12.64
C TYR A 198 13.80 2.93 12.40
N ASN A 199 12.60 2.49 12.04
CA ASN A 199 12.31 1.08 11.84
C ASN A 199 10.83 0.97 11.46
N GLN A 200 10.35 -0.24 11.23
CA GLN A 200 9.01 -0.43 10.68
C GLN A 200 7.89 -0.57 11.73
N THR A 201 8.19 -0.38 13.03
CA THR A 201 7.21 -0.69 14.07
C THR A 201 6.24 0.46 14.30
N ASP A 202 5.08 0.13 14.91
CA ASP A 202 3.97 1.05 15.13
C ASP A 202 4.32 2.16 16.14
N LEU A 203 3.39 3.09 16.35
CA LEU A 203 3.46 3.90 17.56
C LEU A 203 3.52 2.95 18.76
N PRO A 204 4.27 3.26 19.82
CA PRO A 204 4.87 4.54 20.24
C PRO A 204 6.22 4.90 19.62
N GLU A 205 6.67 4.24 18.57
CA GLU A 205 7.88 4.68 17.90
C GLU A 205 7.68 6.10 17.35
N ASP A 206 8.81 6.76 17.06
CA ASP A 206 8.92 8.12 16.54
C ASP A 206 8.60 8.11 15.03
N ILE A 207 7.43 8.64 14.64
CA ILE A 207 6.93 8.55 13.28
C ILE A 207 6.41 9.90 12.83
N ASP A 208 6.68 10.27 11.57
CA ASP A 208 6.12 11.46 10.92
C ASP A 208 5.01 11.05 9.96
N ILE A 209 4.22 12.05 9.54
CA ILE A 209 3.26 11.94 8.43
C ILE A 209 3.81 12.73 7.26
N VAL A 210 3.96 12.06 6.11
CA VAL A 210 4.54 12.66 4.91
C VAL A 210 3.53 12.56 3.77
N MET A 211 3.68 13.45 2.78
CA MET A 211 2.72 13.65 1.71
C MET A 211 3.44 13.87 0.38
N ARG A 212 2.80 13.41 -0.70
CA ARG A 212 3.12 13.77 -2.07
C ARG A 212 1.81 14.00 -2.81
N ARG A 213 1.87 14.82 -3.86
CA ARG A 213 0.70 15.25 -4.62
C ARG A 213 0.91 15.02 -6.11
N SER A 214 -0.20 14.85 -6.82
CA SER A 214 -0.20 14.77 -8.29
C SER A 214 -1.34 15.60 -8.86
N THR A 215 -1.04 16.42 -9.86
CA THR A 215 -2.05 17.20 -10.55
C THR A 215 -2.32 16.70 -11.97
N ASP A 216 -1.76 15.55 -12.34
CA ASP A 216 -1.98 14.98 -13.67
C ASP A 216 -2.44 13.53 -13.57
N GLY A 217 -3.28 13.22 -12.59
CA GLY A 217 -3.83 11.89 -12.54
C GLY A 217 -2.86 10.80 -12.14
N GLY A 218 -1.78 11.16 -11.46
CA GLY A 218 -0.80 10.17 -11.03
C GLY A 218 0.25 9.85 -12.05
N LYS A 219 0.40 10.67 -13.10
CA LYS A 219 1.52 10.49 -14.02
C LYS A 219 2.82 11.00 -13.40
N SER A 220 2.75 12.09 -12.63
CA SER A 220 3.92 12.61 -11.94
C SER A 220 3.51 13.13 -10.56
N TRP A 221 4.51 13.24 -9.67
CA TRP A 221 4.28 13.42 -8.25
C TRP A 221 5.24 14.45 -7.70
N SER A 222 4.71 15.37 -6.88
CA SER A 222 5.55 16.36 -6.22
C SER A 222 6.59 15.68 -5.33
N ASP A 223 7.62 16.44 -4.97
CA ASP A 223 8.59 15.97 -3.99
C ASP A 223 7.94 15.79 -2.62
N PRO A 224 8.32 14.76 -1.85
CA PRO A 224 7.60 14.46 -0.61
C PRO A 224 7.83 15.53 0.43
N ARG A 225 6.77 15.85 1.18
N ARG A 225 6.78 15.83 1.19
CA ARG A 225 6.82 16.91 2.18
CA ARG A 225 6.81 16.90 2.18
C ARG A 225 6.27 16.41 3.51
C ARG A 225 6.27 16.41 3.51
N ILE A 226 7.08 16.54 4.56
CA ILE A 226 6.62 16.21 5.90
C ILE A 226 5.59 17.25 6.32
N ILE A 227 4.36 16.83 6.60
CA ILE A 227 3.36 17.77 7.07
C ILE A 227 3.06 17.65 8.56
N VAL A 228 3.41 16.54 9.21
CA VAL A 228 3.31 16.45 10.67
C VAL A 228 4.57 15.75 11.16
N GLN A 229 5.33 16.43 12.02
CA GLN A 229 6.61 15.93 12.52
C GLN A 229 6.45 15.33 13.91
N GLY A 230 6.86 14.07 14.04
CA GLY A 230 6.92 13.45 15.33
C GLY A 230 8.15 13.91 16.10
N GLU A 231 8.01 13.93 17.41
CA GLU A 231 9.00 14.56 18.28
C GLU A 231 9.54 13.60 19.33
N GLY A 232 9.78 12.35 18.94
CA GLY A 232 10.37 11.37 19.82
C GLY A 232 9.44 10.20 20.09
N ARG A 233 10.00 9.20 20.75
N ARG A 233 10.00 9.20 20.74
CA ARG A 233 9.22 8.06 21.19
CA ARG A 233 9.22 8.06 21.19
C ARG A 233 8.10 8.53 22.12
C ARG A 233 8.11 8.52 22.11
N ASN A 234 6.91 7.94 21.94
CA ASN A 234 5.65 8.37 22.56
C ASN A 234 5.19 9.73 22.08
N HIS A 235 5.79 10.27 21.00
CA HIS A 235 5.39 11.59 20.53
C HIS A 235 5.34 11.66 19.01
N GLY A 236 5.17 10.52 18.33
CA GLY A 236 5.05 10.48 16.90
C GLY A 236 3.59 10.61 16.46
N PHE A 237 3.38 10.48 15.16
CA PHE A 237 2.05 10.66 14.59
C PHE A 237 1.91 9.70 13.42
N GLY A 238 0.67 9.29 13.14
CA GLY A 238 0.45 8.41 12.00
C GLY A 238 -0.96 7.90 11.92
N ASP A 239 -1.13 6.88 11.08
CA ASP A 239 -2.42 6.27 10.72
C ASP A 239 -3.41 7.31 10.19
N VAL A 240 -3.13 7.80 8.97
CA VAL A 240 -3.88 8.90 8.36
C VAL A 240 -5.06 8.35 7.58
N ALA A 241 -6.22 9.01 7.71
CA ALA A 241 -7.36 8.84 6.81
C ALA A 241 -7.75 10.19 6.24
N LEU A 242 -8.39 10.15 5.06
CA LEU A 242 -8.58 11.32 4.22
C LEU A 242 -10.00 11.36 3.69
N VAL A 243 -10.60 12.56 3.67
CA VAL A 243 -11.83 12.83 2.91
C VAL A 243 -11.75 14.23 2.35
N GLN A 244 -12.59 14.52 1.36
CA GLN A 244 -12.89 15.88 0.96
C GLN A 244 -14.33 16.16 1.37
N THR A 245 -14.55 17.25 2.11
CA THR A 245 -15.92 17.56 2.55
C THR A 245 -16.71 18.20 1.41
N GLN A 246 -18.03 18.30 1.61
CA GLN A 246 -18.88 18.80 0.54
C GLN A 246 -18.67 20.29 0.31
N ALA A 247 -18.24 21.02 1.33
CA ALA A 247 -17.86 22.41 1.09
C ALA A 247 -16.53 22.52 0.37
N GLY A 248 -15.81 21.41 0.17
CA GLY A 248 -14.64 21.40 -0.68
C GLY A 248 -13.31 21.36 0.06
N LYS A 249 -13.33 21.42 1.39
CA LYS A 249 -12.10 21.39 2.15
C LYS A 249 -11.57 19.96 2.27
N LEU A 250 -10.26 19.81 2.29
CA LEU A 250 -9.68 18.50 2.55
C LEU A 250 -9.50 18.35 4.04
N LEU A 251 -9.61 17.10 4.52
CA LEU A 251 -9.60 16.79 5.94
C LEU A 251 -8.76 15.55 6.14
N MET A 252 -7.71 15.64 6.98
CA MET A 252 -7.00 14.45 7.44
C MET A 252 -7.29 14.24 8.92
N ILE A 253 -7.35 12.98 9.31
CA ILE A 253 -7.51 12.58 10.69
C ILE A 253 -6.43 11.54 10.98
N PHE A 254 -5.87 11.59 12.19
CA PHE A 254 -4.72 10.73 12.51
C PHE A 254 -4.57 10.65 14.03
N VAL A 255 -3.75 9.69 14.47
CA VAL A 255 -3.44 9.54 15.89
C VAL A 255 -1.99 9.92 16.16
N GLY A 256 -1.66 10.03 17.44
CA GLY A 256 -0.31 10.36 17.86
C GLY A 256 -0.09 10.05 19.33
N GLY A 257 1.16 9.80 19.71
CA GLY A 257 1.50 9.50 21.10
C GLY A 257 1.89 8.06 21.39
N VAL A 258 1.48 7.56 22.55
CA VAL A 258 1.76 6.19 22.97
C VAL A 258 1.04 5.18 22.08
N GLY A 259 1.33 3.90 22.27
CA GLY A 259 0.72 2.87 21.46
C GLY A 259 -0.75 2.66 21.80
N LEU A 260 -1.44 1.99 20.87
CA LEU A 260 -2.87 1.72 21.01
C LEU A 260 -3.19 1.04 22.35
N TRP A 261 -2.45 0.00 22.70
CA TRP A 261 -2.68 -0.71 23.95
C TRP A 261 -2.02 -0.05 25.17
N GLN A 262 -1.26 1.03 25.00
CA GLN A 262 -0.70 1.75 26.14
C GLN A 262 -1.53 2.96 26.54
N SER A 263 -2.52 3.33 25.73
CA SER A 263 -3.36 4.49 25.96
C SER A 263 -4.28 4.26 27.16
N THR A 264 -4.66 5.34 27.82
CA THR A 264 -5.52 5.29 29.01
C THR A 264 -6.44 6.49 28.99
N PRO A 265 -7.51 6.48 29.79
CA PRO A 265 -8.38 7.66 29.82
C PRO A 265 -7.64 8.93 30.16
N ASP A 266 -6.71 8.87 31.13
CA ASP A 266 -6.01 10.06 31.59
C ASP A 266 -4.77 10.38 30.77
N ARG A 267 -4.17 9.38 30.09
CA ARG A 267 -3.04 9.61 29.18
C ARG A 267 -3.29 8.94 27.85
N PRO A 268 -4.17 9.49 27.02
CA PRO A 268 -4.56 8.81 25.79
C PRO A 268 -3.53 8.96 24.68
N GLN A 269 -3.55 8.00 23.77
CA GLN A 269 -3.12 8.27 22.42
C GLN A 269 -4.22 9.06 21.73
N ARG A 270 -3.88 10.24 21.23
CA ARG A 270 -4.89 11.22 20.86
C ARG A 270 -5.24 11.16 19.36
N THR A 271 -6.43 11.66 19.05
CA THR A 271 -6.92 11.78 17.68
C THR A 271 -6.89 13.25 17.28
N TYR A 272 -6.34 13.52 16.09
CA TYR A 272 -6.20 14.89 15.59
C TYR A 272 -6.84 15.01 14.21
N ILE A 273 -7.25 16.23 13.86
CA ILE A 273 -7.64 16.56 12.49
C ILE A 273 -6.95 17.84 12.03
N SER A 274 -6.74 17.91 10.73
CA SER A 274 -6.11 19.01 10.04
C SER A 274 -6.84 19.19 8.71
N GLU A 275 -6.96 20.44 8.25
CA GLU A 275 -7.70 20.73 7.04
C GLU A 275 -6.88 21.55 6.06
N SER A 276 -7.23 21.40 4.77
CA SER A 276 -6.58 22.15 3.70
C SER A 276 -7.64 22.75 2.78
N ARG A 277 -7.40 23.98 2.37
CA ARG A 277 -8.31 24.70 1.49
C ARG A 277 -7.71 24.97 0.12
N ASP A 278 -6.54 24.40 -0.17
CA ASP A 278 -5.83 24.66 -1.41
C ASP A 278 -5.26 23.37 -1.96
N GLU A 279 -6.04 22.30 -1.87
CA GLU A 279 -5.73 21.05 -2.59
C GLU A 279 -4.50 20.38 -2.00
N GLY A 280 -4.36 20.43 -0.68
CA GLY A 280 -3.27 19.77 -0.01
C GLY A 280 -1.95 20.53 0.07
N LEU A 281 -1.87 21.77 -0.43
CA LEU A 281 -0.60 22.49 -0.33
C LEU A 281 -0.26 22.84 1.11
N THR A 282 -1.20 23.43 1.84
CA THR A 282 -0.98 23.84 3.21
C THR A 282 -2.08 23.26 4.08
N TRP A 283 -1.76 23.04 5.35
CA TRP A 283 -2.63 22.34 6.29
C TRP A 283 -2.66 23.10 7.60
N SER A 284 -3.84 23.15 8.21
CA SER A 284 -4.02 23.84 9.48
C SER A 284 -3.26 23.11 10.59
N PRO A 285 -2.85 23.83 11.63
CA PRO A 285 -2.19 23.16 12.77
C PRO A 285 -3.09 22.12 13.38
N PRO A 286 -2.58 20.91 13.66
CA PRO A 286 -3.43 19.81 14.11
C PRO A 286 -4.27 20.18 15.33
N ARG A 287 -5.51 19.68 15.35
CA ARG A 287 -6.49 20.00 16.36
C ARG A 287 -6.89 18.72 17.08
N ASP A 288 -6.64 18.68 18.40
CA ASP A 288 -6.97 17.52 19.20
C ASP A 288 -8.50 17.37 19.35
N ILE A 289 -9.05 16.27 18.85
CA ILE A 289 -10.48 16.04 19.02
C ILE A 289 -10.76 14.82 19.89
N THR A 290 -9.80 14.42 20.73
CA THR A 290 -9.98 13.25 21.58
C THR A 290 -11.16 13.42 22.54
N HIS A 291 -11.43 14.64 23.00
CA HIS A 291 -12.47 14.86 24.00
C HIS A 291 -13.87 14.59 23.46
N PHE A 292 -14.08 14.62 22.14
CA PHE A 292 -15.39 14.24 21.58
C PHE A 292 -15.61 12.74 21.61
N ILE A 293 -14.58 11.96 21.87
CA ILE A 293 -14.58 10.52 21.64
C ILE A 293 -14.56 9.74 22.96
N PHE A 294 -13.57 10.02 23.83
CA PHE A 294 -13.41 9.24 25.06
C PHE A 294 -12.47 9.97 25.99
N GLY A 295 -12.34 9.42 27.19
CA GLY A 295 -11.30 9.81 28.11
C GLY A 295 -11.74 10.87 29.10
N LYS A 296 -10.72 11.47 29.73
CA LYS A 296 -10.92 12.29 30.92
C LYS A 296 -11.61 13.61 30.60
N ASP A 297 -11.46 14.13 29.38
CA ASP A 297 -12.09 15.37 28.97
C ASP A 297 -13.40 15.17 28.23
N CYS A 298 -13.90 13.93 28.14
CA CYS A 298 -15.13 13.65 27.41
C CYS A 298 -16.35 13.98 28.25
N ALA A 299 -17.33 14.63 27.62
CA ALA A 299 -18.53 15.08 28.33
C ALA A 299 -19.47 13.94 28.66
N ASP A 300 -19.33 12.80 28.00
CA ASP A 300 -20.23 11.68 28.20
C ASP A 300 -19.63 10.76 29.26
N PRO A 301 -20.15 10.76 30.49
CA PRO A 301 -19.53 9.93 31.54
C PRO A 301 -19.49 8.44 31.21
N GLY A 302 -20.29 7.97 30.25
CA GLY A 302 -20.22 6.58 29.86
C GLY A 302 -19.04 6.23 28.98
N ARG A 303 -18.33 7.25 28.51
CA ARG A 303 -17.12 7.06 27.72
C ARG A 303 -15.88 7.67 28.39
N SER A 304 -16.02 8.25 29.58
CA SER A 304 -14.87 8.89 30.21
C SER A 304 -13.87 7.88 30.75
N ARG A 305 -14.27 6.62 30.94
CA ARG A 305 -13.30 5.59 31.31
C ARG A 305 -12.85 4.71 30.14
N TRP A 306 -13.28 4.99 28.90
CA TRP A 306 -12.74 4.25 27.77
C TRP A 306 -11.25 4.59 27.59
N LEU A 307 -10.51 3.70 26.91
CA LEU A 307 -9.05 3.74 26.98
C LEU A 307 -8.34 4.21 25.72
N ALA A 308 -8.94 4.04 24.54
CA ALA A 308 -8.24 4.27 23.28
C ALA A 308 -9.22 4.28 22.12
N SER A 309 -8.83 5.00 21.06
CA SER A 309 -9.62 5.06 19.82
C SER A 309 -8.67 5.41 18.68
N PHE A 310 -8.83 4.74 17.55
CA PHE A 310 -8.20 5.18 16.31
C PHE A 310 -9.08 4.90 15.11
N CYS A 311 -9.08 5.84 14.18
CA CYS A 311 -9.79 5.71 12.92
C CYS A 311 -8.95 4.88 11.94
N ALA A 312 -9.61 4.06 11.15
CA ALA A 312 -8.89 3.23 10.19
C ALA A 312 -8.18 4.11 9.15
N SER A 313 -6.89 3.88 8.97
CA SER A 313 -6.15 4.65 7.98
C SER A 313 -6.65 4.33 6.56
N GLY A 314 -6.48 5.31 5.67
CA GLY A 314 -6.97 5.20 4.30
C GLY A 314 -7.92 6.33 3.96
N GLN A 315 -9.21 6.03 3.77
CA GLN A 315 -10.19 7.07 3.48
C GLN A 315 -11.41 6.92 4.37
N GLY A 316 -12.07 8.05 4.66
CA GLY A 316 -13.37 8.04 5.29
C GLY A 316 -14.49 7.97 4.26
N LEU A 317 -15.64 8.53 4.61
CA LEU A 317 -16.74 8.62 3.67
C LEU A 317 -17.58 9.86 3.99
N VAL A 318 -17.80 10.69 2.99
CA VAL A 318 -18.74 11.80 3.07
C VAL A 318 -20.05 11.35 2.42
N LEU A 319 -21.15 11.40 3.18
CA LEU A 319 -22.44 10.93 2.70
C LEU A 319 -23.11 11.99 1.82
N PRO A 320 -24.17 11.61 1.09
CA PRO A 320 -24.86 12.61 0.26
C PRO A 320 -25.43 13.76 1.04
N SER A 321 -25.71 13.57 2.34
CA SER A 321 -26.18 14.67 3.17
C SER A 321 -25.10 15.69 3.46
N GLY A 322 -23.83 15.32 3.29
CA GLY A 322 -22.73 16.11 3.81
C GLY A 322 -22.14 15.64 5.13
N ARG A 323 -22.74 14.65 5.79
CA ARG A 323 -22.17 14.10 7.02
C ARG A 323 -20.82 13.47 6.73
N ILE A 324 -19.79 13.85 7.51
CA ILE A 324 -18.44 13.31 7.38
C ILE A 324 -18.28 12.15 8.34
N THR A 325 -17.79 11.00 7.84
CA THR A 325 -17.70 9.80 8.65
C THR A 325 -16.33 9.13 8.52
N PHE A 326 -15.84 8.61 9.65
CA PHE A 326 -14.75 7.64 9.73
C PHE A 326 -15.16 6.58 10.73
N VAL A 327 -14.68 5.36 10.56
CA VAL A 327 -14.94 4.35 11.57
C VAL A 327 -13.79 4.33 12.58
N ALA A 328 -14.13 4.52 13.85
CA ALA A 328 -13.17 4.38 14.95
C ALA A 328 -13.26 2.98 15.53
N ALA A 329 -12.11 2.44 15.91
CA ALA A 329 -12.02 1.18 16.64
C ALA A 329 -11.55 1.53 18.04
N ILE A 330 -12.34 1.16 19.04
CA ILE A 330 -12.27 1.74 20.38
C ILE A 330 -12.07 0.65 21.41
N ARG A 331 -11.14 0.88 22.34
CA ARG A 331 -10.91 -0.03 23.46
C ARG A 331 -11.69 0.49 24.66
N GLU A 332 -12.63 -0.31 25.15
CA GLU A 332 -13.52 0.10 26.23
C GLU A 332 -13.09 -0.46 27.57
N SER A 333 -12.21 -1.46 27.61
CA SER A 333 -11.85 -2.13 28.86
C SER A 333 -10.37 -2.47 28.89
N GLY A 334 -9.71 -2.13 30.01
CA GLY A 334 -8.36 -2.61 30.22
C GLY A 334 -8.29 -4.09 30.52
N GLN A 335 -9.44 -4.72 30.73
N GLN A 335 -9.44 -4.73 30.75
CA GLN A 335 -9.50 -6.14 31.02
CA GLN A 335 -9.48 -6.15 31.03
C GLN A 335 -9.48 -7.01 29.76
C GLN A 335 -9.51 -7.02 29.77
N GLU A 336 -9.40 -6.41 28.58
CA GLU A 336 -9.40 -7.19 27.35
C GLU A 336 -8.57 -6.46 26.30
N TYR A 337 -8.02 -7.22 25.35
CA TYR A 337 -7.29 -6.64 24.23
C TYR A 337 -8.12 -6.77 22.96
N VAL A 338 -9.34 -6.22 22.98
CA VAL A 338 -10.21 -6.21 21.81
C VAL A 338 -10.84 -4.83 21.69
N LEU A 339 -11.41 -4.56 20.52
CA LEU A 339 -11.90 -3.23 20.17
C LEU A 339 -13.34 -3.35 19.69
N ASN A 340 -14.10 -2.25 19.83
CA ASN A 340 -15.44 -2.15 19.31
C ASN A 340 -15.52 -0.96 18.36
N ASN A 341 -16.25 -1.15 17.25
CA ASN A 341 -16.36 -0.14 16.21
C ASN A 341 -17.53 0.80 16.47
N TYR A 342 -17.28 2.07 16.23
CA TYR A 342 -18.26 3.13 16.29
C TYR A 342 -17.95 4.05 15.13
N VAL A 343 -18.98 4.60 14.51
CA VAL A 343 -18.76 5.60 13.48
C VAL A 343 -18.55 6.95 14.17
N LEU A 344 -17.44 7.61 13.85
CA LEU A 344 -17.22 8.99 14.23
C LEU A 344 -17.66 9.90 13.08
N TYR A 345 -18.52 10.88 13.37
CA TYR A 345 -19.08 11.70 12.30
C TYR A 345 -19.23 13.16 12.73
N SER A 346 -19.41 14.02 11.73
CA SER A 346 -19.57 15.45 11.95
C SER A 346 -20.58 16.00 10.96
N ASP A 347 -21.60 16.70 11.46
CA ASP A 347 -22.60 17.32 10.61
C ASP A 347 -22.36 18.81 10.38
N ASP A 348 -21.25 19.35 10.85
CA ASP A 348 -20.93 20.77 10.72
C ASP A 348 -19.54 20.96 10.16
N GLU A 349 -19.15 20.12 9.20
CA GLU A 349 -17.87 20.24 8.50
C GLU A 349 -16.69 20.13 9.45
N GLY A 350 -16.78 19.24 10.43
CA GLY A 350 -15.68 18.98 11.32
C GLY A 350 -15.61 19.89 12.53
N ASP A 351 -16.53 20.83 12.70
CA ASP A 351 -16.50 21.68 13.89
C ASP A 351 -16.69 20.85 15.16
N THR A 352 -17.70 20.00 15.18
CA THR A 352 -17.94 19.14 16.33
C THR A 352 -18.15 17.70 15.84
N TRP A 353 -17.98 16.74 16.76
CA TRP A 353 -17.96 15.34 16.39
C TRP A 353 -18.78 14.53 17.38
N GLN A 354 -19.38 13.45 16.88
CA GLN A 354 -20.25 12.59 17.67
C GLN A 354 -19.97 11.15 17.27
N LEU A 355 -20.47 10.23 18.08
CA LEU A 355 -20.27 8.79 17.85
C LEU A 355 -21.62 8.15 17.60
N SER A 356 -21.66 7.22 16.64
CA SER A 356 -22.84 6.41 16.41
C SER A 356 -23.06 5.45 17.58
N ASP A 357 -24.11 4.65 17.47
CA ASP A 357 -24.16 3.48 18.33
C ASP A 357 -23.12 2.46 17.88
N CYS A 358 -22.85 1.48 18.73
CA CYS A 358 -21.81 0.50 18.44
C CYS A 358 -22.14 -0.27 17.16
N ALA A 359 -21.19 -0.32 16.24
CA ALA A 359 -21.43 -0.97 14.96
C ALA A 359 -20.87 -2.38 14.86
N TYR A 360 -19.87 -2.73 15.69
CA TYR A 360 -19.32 -4.08 15.63
C TYR A 360 -18.59 -4.39 16.92
N ARG A 361 -18.83 -5.58 17.45
CA ARG A 361 -18.20 -6.04 18.68
C ARG A 361 -17.01 -6.94 18.36
N ARG A 362 -15.87 -6.66 19.00
CA ARG A 362 -14.60 -7.32 18.66
C ARG A 362 -14.27 -7.11 17.18
N GLY A 363 -14.40 -5.87 16.75
CA GLY A 363 -13.98 -5.45 15.43
C GLY A 363 -12.54 -4.98 15.45
N ASP A 364 -12.22 -4.14 14.46
CA ASP A 364 -10.91 -3.55 14.26
C ASP A 364 -11.04 -2.54 13.12
N GLU A 365 -9.95 -2.29 12.38
CA GLU A 365 -9.96 -1.29 11.29
C GLU A 365 -11.14 -1.52 10.34
N ALA A 366 -12.01 -0.52 10.19
CA ALA A 366 -13.22 -0.68 9.41
C ALA A 366 -13.40 0.48 8.42
N LYS A 367 -14.04 0.16 7.27
CA LYS A 367 -14.19 1.08 6.15
C LYS A 367 -15.65 1.14 5.72
N LEU A 368 -16.03 2.27 5.13
CA LEU A 368 -17.41 2.52 4.75
C LEU A 368 -17.51 2.73 3.24
N SER A 369 -18.64 2.32 2.67
CA SER A 369 -18.92 2.70 1.30
C SER A 369 -20.43 2.80 1.09
N LEU A 370 -20.81 3.58 0.10
CA LEU A 370 -22.20 3.94 -0.15
C LEU A 370 -22.85 2.93 -1.08
N MET A 371 -23.92 2.29 -0.61
CA MET A 371 -24.64 1.32 -1.43
C MET A 371 -25.49 2.01 -2.48
N PRO A 372 -25.85 1.29 -3.56
CA PRO A 372 -26.70 1.92 -4.60
C PRO A 372 -27.98 2.50 -4.05
N ASP A 373 -28.56 1.90 -3.01
CA ASP A 373 -29.83 2.40 -2.49
C ASP A 373 -29.66 3.41 -1.36
N GLY A 374 -28.46 3.90 -1.11
CA GLY A 374 -28.26 4.91 -0.08
C GLY A 374 -27.93 4.37 1.30
N ARG A 375 -27.99 3.06 1.50
CA ARG A 375 -27.47 2.47 2.71
C ARG A 375 -25.94 2.53 2.71
N VAL A 376 -25.36 2.40 3.91
CA VAL A 376 -23.92 2.44 4.10
C VAL A 376 -23.47 1.02 4.41
N LEU A 377 -22.43 0.58 3.72
CA LEU A 377 -21.84 -0.72 3.96
C LEU A 377 -20.52 -0.54 4.71
N MET A 378 -20.33 -1.30 5.79
CA MET A 378 -19.09 -1.23 6.55
C MET A 378 -18.38 -2.57 6.42
N SER A 379 -17.08 -2.52 6.13
CA SER A 379 -16.19 -3.67 6.06
C SER A 379 -15.24 -3.63 7.26
N ILE A 380 -15.13 -4.74 8.00
CA ILE A 380 -14.48 -4.77 9.31
C ILE A 380 -13.34 -5.80 9.31
N ARG A 381 -12.14 -5.34 9.63
CA ARG A 381 -10.98 -6.20 9.75
C ARG A 381 -11.19 -7.30 10.78
N ASN A 382 -10.82 -8.52 10.43
CA ASN A 382 -10.96 -9.66 11.33
C ASN A 382 -9.65 -9.77 12.10
N GLN A 383 -9.62 -9.24 13.33
CA GLN A 383 -8.41 -9.28 14.15
C GLN A 383 -8.49 -10.46 15.12
N GLY A 384 -7.50 -11.32 15.09
CA GLY A 384 -7.43 -12.44 16.01
C GLY A 384 -7.90 -13.76 15.48
N ARG A 385 -8.00 -13.91 14.16
CA ARG A 385 -8.44 -15.14 13.50
C ARG A 385 -9.77 -15.64 14.09
N GLN A 386 -10.73 -14.74 14.21
CA GLN A 386 -12.04 -15.14 14.72
C GLN A 386 -12.83 -15.91 13.66
N GLU A 387 -13.77 -16.72 14.14
CA GLU A 387 -14.77 -17.42 13.32
C GLU A 387 -14.10 -18.24 12.22
N SER A 388 -14.42 -17.97 10.97
CA SER A 388 -13.79 -18.68 9.86
C SER A 388 -12.70 -17.86 9.19
N ARG A 389 -12.10 -16.94 9.92
CA ARG A 389 -11.04 -16.07 9.40
C ARG A 389 -11.51 -15.26 8.19
N GLN A 390 -12.80 -14.94 8.15
CA GLN A 390 -13.40 -14.18 7.06
C GLN A 390 -13.55 -12.71 7.43
N ARG A 391 -13.54 -11.86 6.42
CA ARG A 391 -13.85 -10.45 6.59
C ARG A 391 -15.28 -10.28 7.11
N PHE A 392 -15.49 -9.31 7.99
CA PHE A 392 -16.79 -9.03 8.57
C PHE A 392 -17.43 -7.86 7.86
N PHE A 393 -18.77 -7.82 7.84
CA PHE A 393 -19.50 -6.74 7.20
C PHE A 393 -20.74 -6.40 8.03
N ALA A 394 -21.11 -5.12 8.00
CA ALA A 394 -22.33 -4.64 8.62
C ALA A 394 -23.02 -3.64 7.69
N LEU A 395 -24.29 -3.36 7.96
CA LEU A 395 -25.07 -2.41 7.16
C LEU A 395 -25.82 -1.42 8.04
N SER A 396 -25.94 -0.19 7.56
CA SER A 396 -26.72 0.86 8.20
C SER A 396 -27.69 1.46 7.18
N SER A 397 -28.92 1.70 7.61
CA SER A 397 -29.91 2.33 6.74
C SER A 397 -30.29 3.74 7.19
N ASP A 398 -29.58 4.30 8.17
CA ASP A 398 -29.90 5.62 8.71
C ASP A 398 -28.67 6.53 8.72
N ASP A 399 -27.81 6.37 7.70
CA ASP A 399 -26.62 7.20 7.51
C ASP A 399 -25.62 7.00 8.65
N GLY A 400 -25.47 5.76 9.09
CA GLY A 400 -24.38 5.37 9.97
C GLY A 400 -24.66 5.41 11.47
N LEU A 401 -25.86 5.80 11.88
CA LEU A 401 -26.14 5.92 13.30
C LEU A 401 -26.33 4.57 13.97
N THR A 402 -26.99 3.63 13.30
CA THR A 402 -27.23 2.30 13.86
C THR A 402 -26.88 1.25 12.82
N TRP A 403 -26.53 0.06 13.31
CA TRP A 403 -25.89 -0.95 12.48
C TRP A 403 -26.42 -2.34 12.79
N GLU A 404 -26.23 -3.23 11.83
CA GLU A 404 -26.57 -4.64 11.95
C GLU A 404 -25.57 -5.43 11.12
N ARG A 405 -25.13 -6.57 11.65
CA ARG A 405 -24.24 -7.45 10.92
C ARG A 405 -24.91 -7.94 9.65
N ALA A 406 -24.12 -8.05 8.57
CA ALA A 406 -24.63 -8.52 7.28
C ALA A 406 -23.78 -9.69 6.79
N LYS A 407 -24.08 -10.88 7.31
CA LYS A 407 -23.30 -12.06 6.92
C LYS A 407 -23.39 -12.37 5.43
N GLN A 408 -24.46 -11.92 4.75
CA GLN A 408 -24.60 -12.25 3.34
C GLN A 408 -23.51 -11.60 2.49
N PHE A 409 -22.88 -10.53 2.97
CA PHE A 409 -21.70 -9.98 2.31
C PHE A 409 -20.43 -10.77 2.57
N GLU A 410 -20.41 -11.66 3.56
CA GLU A 410 -19.14 -12.32 3.81
C GLU A 410 -18.85 -13.32 2.69
N GLY A 411 -17.60 -13.75 2.62
CA GLY A 411 -17.28 -14.73 1.61
C GLY A 411 -15.87 -14.59 1.09
N ILE A 412 -15.10 -13.67 1.66
CA ILE A 412 -13.70 -13.53 1.30
C ILE A 412 -12.84 -13.62 2.57
N HIS A 413 -11.65 -14.20 2.41
CA HIS A 413 -10.75 -14.43 3.53
C HIS A 413 -10.11 -13.12 3.97
N ASP A 414 -9.87 -12.97 5.27
CA ASP A 414 -9.15 -11.83 5.82
C ASP A 414 -8.05 -12.32 6.73
N PRO A 415 -6.77 -12.18 6.34
CA PRO A 415 -5.68 -12.61 7.22
C PRO A 415 -5.45 -11.68 8.41
N GLY A 416 -6.20 -10.58 8.50
CA GLY A 416 -6.11 -9.67 9.61
C GLY A 416 -5.38 -8.41 9.21
N CYS A 417 -5.99 -7.66 8.28
CA CYS A 417 -5.27 -6.61 7.58
C CYS A 417 -6.25 -5.57 7.05
N ASN A 418 -5.80 -4.31 7.02
CA ASN A 418 -6.61 -3.23 6.49
C ASN A 418 -6.76 -3.35 4.97
N GLY A 419 -7.86 -2.84 4.45
CA GLY A 419 -8.12 -2.83 3.02
C GLY A 419 -9.19 -1.81 2.66
N ALA A 420 -9.74 -1.92 1.46
CA ALA A 420 -10.53 -0.79 0.94
C ALA A 420 -11.63 -1.27 -0.01
N MET A 421 -12.61 -0.38 -0.22
CA MET A 421 -13.79 -0.65 -1.02
C MET A 421 -14.04 0.48 -2.02
N LEU A 422 -14.48 0.08 -3.22
CA LEU A 422 -14.99 0.99 -4.24
C LEU A 422 -16.27 0.42 -4.83
N GLN A 423 -17.32 1.23 -4.84
CA GLN A 423 -18.54 0.89 -5.58
C GLN A 423 -18.32 1.22 -7.05
N VAL A 424 -18.51 0.23 -7.93
CA VAL A 424 -18.28 0.42 -9.36
C VAL A 424 -19.38 -0.25 -10.17
N LYS A 425 -19.52 0.19 -11.43
CA LYS A 425 -20.39 -0.46 -12.40
C LYS A 425 -19.55 -1.29 -13.34
N ARG A 426 -19.99 -2.53 -13.59
CA ARG A 426 -19.30 -3.38 -14.54
C ARG A 426 -20.36 -4.12 -15.35
N ASN A 427 -20.37 -3.86 -16.66
CA ASN A 427 -21.29 -4.50 -17.61
C ASN A 427 -22.74 -4.25 -17.21
N GLY A 428 -23.02 -3.04 -16.71
CA GLY A 428 -24.35 -2.65 -16.27
C GLY A 428 -24.71 -2.97 -14.83
N ARG A 429 -23.87 -3.71 -14.10
CA ARG A 429 -24.24 -4.31 -12.82
C ARG A 429 -23.51 -3.64 -11.65
N ASP A 430 -24.24 -3.37 -10.56
CA ASP A 430 -23.64 -2.74 -9.39
C ASP A 430 -22.77 -3.74 -8.63
N GLN A 431 -21.52 -3.37 -8.38
CA GLN A 431 -20.60 -4.28 -7.70
C GLN A 431 -19.74 -3.51 -6.71
N VAL A 432 -19.20 -4.23 -5.72
CA VAL A 432 -18.21 -3.71 -4.79
C VAL A 432 -16.84 -4.31 -5.12
N LEU A 433 -15.84 -3.46 -5.35
CA LEU A 433 -14.47 -3.91 -5.49
C LEU A 433 -13.81 -3.80 -4.11
N HIS A 434 -13.23 -4.90 -3.62
CA HIS A 434 -12.57 -4.93 -2.30
C HIS A 434 -11.12 -5.36 -2.48
N SER A 435 -10.21 -4.62 -1.86
CA SER A 435 -8.79 -4.95 -1.88
C SER A 435 -8.40 -5.57 -0.54
N LEU A 436 -7.58 -6.63 -0.59
CA LEU A 436 -7.17 -7.39 0.58
C LEU A 436 -6.03 -8.33 0.20
N PRO A 437 -5.11 -8.65 1.11
CA PRO A 437 -4.16 -9.72 0.82
C PRO A 437 -4.87 -11.06 0.70
N LEU A 438 -4.46 -11.85 -0.29
CA LEU A 438 -5.06 -13.16 -0.46
C LEU A 438 -4.56 -14.14 0.58
N GLY A 439 -3.35 -13.96 1.08
CA GLY A 439 -2.78 -14.90 2.02
C GLY A 439 -2.40 -16.21 1.34
N PRO A 440 -2.86 -17.33 1.89
CA PRO A 440 -3.73 -17.49 3.09
C PRO A 440 -3.01 -17.26 4.40
N ASP A 441 -3.70 -16.71 5.40
CA ASP A 441 -3.20 -16.59 6.77
C ASP A 441 -1.88 -15.83 6.84
N GLY A 442 -1.66 -14.91 5.92
CA GLY A 442 -0.47 -14.08 5.95
C GLY A 442 -0.71 -12.88 5.07
N ARG A 443 0.21 -11.91 5.17
CA ARG A 443 0.10 -10.68 4.39
C ARG A 443 0.88 -10.88 3.09
N ARG A 444 0.19 -11.49 2.13
CA ARG A 444 0.81 -11.97 0.92
C ARG A 444 -0.18 -11.89 -0.23
N ASP A 445 0.33 -11.59 -1.43
CA ASP A 445 -0.44 -11.54 -2.67
C ASP A 445 -1.61 -10.56 -2.58
N GLY A 446 -1.33 -9.27 -2.81
CA GLY A 446 -2.36 -8.26 -2.78
C GLY A 446 -3.36 -8.58 -3.86
N ALA A 447 -4.65 -8.65 -3.53
CA ALA A 447 -5.65 -9.07 -4.50
C ALA A 447 -6.84 -8.13 -4.43
N VAL A 448 -7.68 -8.22 -5.47
CA VAL A 448 -8.98 -7.57 -5.44
C VAL A 448 -10.02 -8.61 -5.80
N TYR A 449 -11.21 -8.43 -5.25
CA TYR A 449 -12.39 -9.21 -5.57
C TYR A 449 -13.53 -8.27 -5.96
N LEU A 450 -14.48 -8.80 -6.72
CA LEU A 450 -15.69 -8.07 -7.06
C LEU A 450 -16.89 -8.79 -6.46
N PHE A 451 -17.66 -8.10 -5.62
CA PHE A 451 -18.89 -8.65 -5.06
C PHE A 451 -20.07 -8.17 -5.91
N ASP A 452 -20.85 -9.10 -6.43
CA ASP A 452 -22.00 -8.76 -7.26
C ASP A 452 -23.24 -8.56 -6.39
N HIS A 453 -23.77 -7.32 -6.42
CA HIS A 453 -24.87 -6.95 -5.53
C HIS A 453 -26.12 -7.82 -5.74
N VAL A 454 -26.50 -8.05 -6.99
CA VAL A 454 -27.77 -8.72 -7.25
C VAL A 454 -27.69 -10.21 -6.94
N SER A 455 -26.55 -10.84 -7.24
CA SER A 455 -26.39 -12.26 -6.97
C SER A 455 -25.80 -12.53 -5.58
N GLY A 456 -25.21 -11.53 -4.94
CA GLY A 456 -24.60 -11.74 -3.64
C GLY A 456 -23.49 -12.77 -3.61
N ARG A 457 -22.71 -12.87 -4.67
CA ARG A 457 -21.58 -13.77 -4.75
C ARG A 457 -20.32 -12.98 -5.09
N TRP A 458 -19.22 -13.36 -4.43
CA TRP A 458 -17.91 -12.76 -4.69
C TRP A 458 -17.25 -13.43 -5.88
N SER A 459 -16.44 -12.65 -6.61
CA SER A 459 -15.61 -13.23 -7.64
C SER A 459 -14.47 -14.02 -7.01
N ALA A 460 -13.86 -14.88 -7.82
CA ALA A 460 -12.53 -15.35 -7.49
C ALA A 460 -11.59 -14.14 -7.40
N PRO A 461 -10.57 -14.21 -6.53
CA PRO A 461 -9.64 -13.08 -6.42
C PRO A 461 -8.75 -12.95 -7.65
N VAL A 462 -8.30 -11.73 -7.90
CA VAL A 462 -7.25 -11.48 -8.89
C VAL A 462 -6.07 -10.85 -8.15
N VAL A 463 -4.88 -11.43 -8.30
CA VAL A 463 -3.70 -10.98 -7.57
C VAL A 463 -3.05 -9.84 -8.35
N VAL A 464 -3.10 -8.65 -7.79
CA VAL A 464 -2.46 -7.49 -8.40
C VAL A 464 -0.94 -7.49 -8.16
N ASN A 465 -0.48 -7.71 -6.93
CA ASN A 465 0.94 -7.73 -6.61
C ASN A 465 1.27 -8.97 -5.80
N SER A 466 1.99 -9.91 -6.41
CA SER A 466 2.41 -11.12 -5.72
C SER A 466 3.52 -10.79 -4.73
N GLY A 467 3.74 -11.69 -3.78
CA GLY A 467 4.74 -11.47 -2.75
C GLY A 467 4.14 -10.87 -1.51
N SER A 468 5.02 -10.33 -0.65
CA SER A 468 4.55 -9.70 0.58
C SER A 468 3.69 -8.48 0.24
N SER A 469 2.53 -8.38 0.88
CA SER A 469 1.57 -7.33 0.56
C SER A 469 0.67 -7.12 1.77
N ALA A 470 0.42 -5.86 2.13
CA ALA A 470 -0.33 -5.61 3.36
C ALA A 470 -1.42 -4.56 3.17
N TYR A 471 -1.23 -3.36 3.74
CA TYR A 471 -2.29 -2.37 3.69
C TYR A 471 -2.48 -1.89 2.27
N SER A 472 -3.73 -1.63 1.90
CA SER A 472 -4.05 -1.07 0.60
C SER A 472 -5.18 -0.06 0.72
N ASP A 473 -5.13 0.95 -0.13
CA ASP A 473 -6.17 1.94 -0.32
C ASP A 473 -6.42 2.06 -1.82
N MET A 474 -7.66 2.40 -2.20
CA MET A 474 -7.99 2.53 -3.61
C MET A 474 -8.81 3.79 -3.85
N THR A 475 -8.67 4.36 -5.03
CA THR A 475 -9.54 5.45 -5.42
C THR A 475 -9.95 5.27 -6.87
N LEU A 476 -11.11 5.84 -7.20
CA LEU A 476 -11.64 5.87 -8.56
C LEU A 476 -11.15 7.13 -9.25
N LEU A 477 -10.43 6.98 -10.35
CA LEU A 477 -10.02 8.16 -11.09
C LEU A 477 -11.12 8.61 -12.05
N ALA A 478 -10.98 9.83 -12.58
CA ALA A 478 -12.06 10.47 -13.34
C ALA A 478 -12.46 9.64 -14.56
N ASP A 479 -11.49 9.08 -15.28
CA ASP A 479 -11.71 8.29 -16.48
C ASP A 479 -12.04 6.81 -16.19
N GLY A 480 -12.39 6.45 -14.97
CA GLY A 480 -12.71 5.07 -14.67
C GLY A 480 -11.54 4.20 -14.26
N THR A 481 -10.29 4.60 -14.51
CA THR A 481 -9.17 3.82 -14.02
C THR A 481 -9.20 3.78 -12.51
N ILE A 482 -8.62 2.74 -11.94
CA ILE A 482 -8.58 2.56 -10.50
C ILE A 482 -7.15 2.83 -10.04
N GLY A 483 -7.01 3.74 -9.07
CA GLY A 483 -5.73 3.97 -8.41
C GLY A 483 -5.61 3.09 -7.18
N TYR A 484 -4.53 2.32 -7.11
CA TYR A 484 -4.39 1.24 -6.13
C TYR A 484 -3.05 1.40 -5.40
N PHE A 485 -3.11 1.80 -4.12
CA PHE A 485 -1.95 2.25 -3.34
C PHE A 485 -1.70 1.22 -2.24
N VAL A 486 -0.61 0.45 -2.37
CA VAL A 486 -0.42 -0.78 -1.61
C VAL A 486 0.95 -0.81 -0.93
N GLU A 487 1.03 -1.57 0.19
CA GLU A 487 2.29 -1.88 0.88
C GLU A 487 2.94 -3.11 0.27
N GLU A 488 3.98 -2.92 -0.54
CA GLU A 488 4.67 -4.01 -1.21
C GLU A 488 5.94 -4.41 -0.47
N GLY A 489 6.09 -5.70 -0.21
CA GLY A 489 7.37 -6.24 0.19
C GLY A 489 7.56 -6.31 1.69
N ASP A 490 8.61 -7.05 2.08
CA ASP A 490 8.88 -7.26 3.51
C ASP A 490 9.32 -5.97 4.18
N GLU A 491 10.41 -5.37 3.70
CA GLU A 491 10.67 -3.96 3.97
C GLU A 491 9.84 -3.17 2.97
N ILE A 492 8.79 -2.51 3.47
CA ILE A 492 7.68 -2.09 2.65
C ILE A 492 8.06 -0.84 1.85
N SER A 493 7.73 -0.84 0.55
CA SER A 493 7.58 0.34 -0.27
C SER A 493 6.09 0.56 -0.54
N LEU A 494 5.68 1.82 -0.65
CA LEU A 494 4.30 2.15 -0.95
C LEU A 494 4.19 2.45 -2.44
N VAL A 495 3.33 1.70 -3.13
CA VAL A 495 3.32 1.62 -4.58
C VAL A 495 1.94 2.00 -5.12
N PHE A 496 1.93 2.89 -6.10
CA PHE A 496 0.70 3.36 -6.74
C PHE A 496 0.56 2.67 -8.09
N ILE A 497 -0.50 1.89 -8.26
CA ILE A 497 -0.77 1.11 -9.45
C ILE A 497 -2.11 1.55 -10.03
N ARG A 498 -2.16 1.67 -11.35
CA ARG A 498 -3.37 2.10 -12.05
C ARG A 498 -3.72 1.05 -13.07
N PHE A 499 -4.97 0.60 -13.03
CA PHE A 499 -5.54 -0.36 -13.98
C PHE A 499 -7.01 -0.06 -14.16
N VAL A 500 -7.60 -0.61 -15.23
CA VAL A 500 -9.05 -0.63 -15.38
C VAL A 500 -9.53 -2.06 -15.14
N LEU A 501 -10.81 -2.19 -14.79
CA LEU A 501 -11.33 -3.46 -14.30
C LEU A 501 -11.14 -4.58 -15.30
N ASP A 502 -11.32 -4.27 -16.59
CA ASP A 502 -11.20 -5.27 -17.65
C ASP A 502 -9.80 -5.87 -17.73
N ASP A 503 -8.78 -5.08 -17.41
CA ASP A 503 -7.43 -5.62 -17.38
C ASP A 503 -7.32 -6.80 -16.42
N LEU A 504 -8.04 -6.74 -15.31
CA LEU A 504 -7.94 -7.77 -14.29
C LEU A 504 -8.95 -8.89 -14.48
N PHE A 505 -10.15 -8.60 -14.98
CA PHE A 505 -11.26 -9.53 -14.87
C PHE A 505 -11.77 -10.09 -16.18
N ASP A 506 -11.33 -9.60 -17.33
CA ASP A 506 -11.76 -10.24 -18.56
C ASP A 506 -10.81 -11.38 -18.91
C1 DAN B . -0.77 -3.41 11.36
C2 DAN B . -1.15 -2.16 12.01
C3 DAN B . -0.68 -0.97 11.59
C4 DAN B . -1.11 0.33 12.24
C5 DAN B . -1.76 0.05 13.60
C6 DAN B . -2.79 -1.07 13.43
C7 DAN B . -3.44 -1.40 14.76
C8 DAN B . -4.30 -2.66 14.67
C9 DAN B . -5.05 -2.93 15.96
C10 DAN B . -2.26 1.63 15.36
C11 DAN B . -2.77 3.00 15.71
N5 DAN B . -2.42 1.25 14.09
O1A DAN B . 0.03 -3.39 10.39
O1B DAN B . -1.29 -4.49 11.71
O4 DAN B . -0.04 1.29 12.34
O6 DAN B . -2.11 -2.27 13.06
O7 DAN B . -2.39 -1.63 15.73
O8 DAN B . -5.23 -2.52 13.60
O9 DAN B . -5.26 -4.34 16.07
O10 DAN B . -1.75 0.89 16.19
C1 PGE C . -24.94 8.80 21.85
O1 PGE C . -24.39 9.53 22.93
C2 PGE C . -24.14 7.52 21.66
O2 PGE C . -22.80 7.73 22.04
C3 PGE C . -21.93 6.65 21.72
C4 PGE C . -22.30 5.41 22.51
O4 PGE C . -22.52 5.80 26.56
C6 PGE C . -21.72 4.73 26.07
C5 PGE C . -22.16 4.45 24.64
O3 PGE C . -21.83 5.57 23.83
C1 PEG D . 14.58 -24.97 -11.62
O1 PEG D . 14.22 -25.20 -12.98
C2 PEG D . 15.33 -23.67 -11.46
O2 PEG D . 16.44 -23.65 -12.36
C3 PEG D . 17.60 -23.03 -11.80
C4 PEG D . 18.34 -22.31 -12.90
O4 PEG D . 19.22 -23.18 -13.60
C1 PGE E . -20.22 -8.92 16.57
O1 PGE E . -21.12 -9.99 16.86
C2 PGE E . -20.93 -7.93 15.67
O2 PGE E . -21.79 -7.13 16.46
C3 PGE E . -22.33 -6.05 15.76
C4 PGE E . -22.64 -4.92 16.72
O4 PGE E . -21.45 -4.50 20.29
C6 PGE E . -22.77 -5.01 20.19
C5 PGE E . -23.38 -4.50 18.91
O3 PGE E . -23.18 -5.46 17.90
C1 PEG F . -27.82 15.28 7.90
O1 PEG F . -28.80 16.28 7.63
C2 PEG F . -26.71 15.84 8.74
O2 PEG F . -25.77 16.49 7.90
C3 PEG F . -25.90 17.92 7.93
C4 PEG F . -24.84 18.54 7.06
O4 PEG F . -25.29 19.77 6.53
C1 PEG G . 8.88 -12.06 -2.26
O1 PEG G . 7.91 -12.79 -2.99
C2 PEG G . 8.25 -11.15 -1.25
O2 PEG G . 9.26 -10.35 -0.63
C3 PEG G . 10.03 -9.61 -1.57
C4 PEG G . 10.37 -8.25 -1.03
O4 PEG G . 10.06 -7.22 -1.97
O1 PG4 H . -19.28 -15.07 -10.30
C1 PG4 H . -20.29 -14.09 -10.14
C2 PG4 H . -19.99 -13.20 -8.99
O2 PG4 H . -18.92 -12.35 -9.33
C3 PG4 H . -19.35 -11.10 -9.84
C4 PG4 H . -18.15 -10.31 -10.22
O3 PG4 H . -17.31 -11.07 -11.08
C5 PG4 H . -17.00 -10.18 -12.13
C6 PG4 H . -15.75 -10.64 -12.80
O4 PG4 H . -15.88 -12.01 -13.11
C7 PG4 H . -14.64 -12.42 -13.65
C8 PG4 H . -14.72 -13.84 -14.12
O5 PG4 H . -15.63 -13.93 -15.21
#